data_2D7U
#
_entry.id   2D7U
#
_cell.length_a   57.200
_cell.length_b   57.200
_cell.length_c   170.900
_cell.angle_alpha   90.00
_cell.angle_beta   90.00
_cell.angle_gamma   120.00
#
_symmetry.space_group_name_H-M   'P 32 1 2'
#
loop_
_entity.id
_entity.type
_entity.pdbx_description
1 polymer 'Adenylosuccinate synthetase'
2 water water
#
_entity_poly.entity_id   1
_entity_poly.type   'polypeptide(L)'
_entity_poly.pdbx_seq_one_letter_code
;MPSVIVVGGQWGDEGKGSIVAYLSLHDEPEIIARGGVGTNAGHSVVINGKKYAVRQIPTGFMQTKARLLIGAGVLVDPEV
FFHELEQLKDFNVKDRVGIDYRCAIIEEKHKQLDRTNGYLHGKIGTTGSGCGPANADRVMRKAKQAKDVKELEPYLTDVA
QEINDALDEGSLVLVEGTQGFGLSLYYGTYPYVTSKDVTASSVAADVGIGPTRVDEVIVVFKSFPTRVGAGPFPTEMPME
EADRLGLVEYGTVTGRRRRVGWFDFEMARYSARINGATMLAVTMLDKYDKEAFGVTDYDKLPRKAKEFIEEIEERVGVPV
GLIKTGPELEHIIDRRDTI
;
_entity_poly.pdbx_strand_id   A
#
# COMPACT_ATOMS: atom_id res chain seq x y z
N MET A 1 11.01 -3.01 17.73
CA MET A 1 10.40 -1.69 18.04
C MET A 1 9.08 -1.49 17.29
N PRO A 2 8.30 -0.46 17.68
CA PRO A 2 7.01 -0.15 17.06
C PRO A 2 6.86 -0.55 15.60
N SER A 3 6.36 -1.76 15.38
CA SER A 3 6.16 -2.28 14.03
C SER A 3 4.99 -1.52 13.42
N VAL A 4 5.12 -1.15 12.15
CA VAL A 4 4.07 -0.40 11.49
C VAL A 4 3.50 -1.13 10.27
N ILE A 5 2.18 -1.22 10.22
CA ILE A 5 1.49 -1.87 9.11
C ILE A 5 0.72 -0.81 8.32
N VAL A 6 1.02 -0.69 7.04
CA VAL A 6 0.35 0.29 6.20
C VAL A 6 -0.69 -0.36 5.29
N VAL A 7 -1.93 0.10 5.40
CA VAL A 7 -3.02 -0.42 4.60
C VAL A 7 -3.91 0.71 4.11
N GLY A 8 -4.72 0.45 3.09
CA GLY A 8 -5.61 1.46 2.57
C GLY A 8 -7.01 1.35 3.14
N GLY A 9 -7.66 2.50 3.32
CA GLY A 9 -9.01 2.50 3.85
C GLY A 9 -10.05 2.85 2.80
N GLN A 10 -9.65 2.82 1.54
CA GLN A 10 -10.54 3.14 0.44
C GLN A 10 -10.55 2.00 -0.58
N TRP A 11 -10.47 2.34 -1.86
CA TRP A 11 -10.46 1.34 -2.92
C TRP A 11 -9.11 1.31 -3.65
N GLY A 12 -8.03 1.27 -2.87
CA GLY A 12 -6.71 1.23 -3.45
C GLY A 12 -6.26 2.55 -4.06
N ASP A 13 -4.98 2.63 -4.40
CA ASP A 13 -4.41 3.83 -5.00
C ASP A 13 -4.48 5.05 -4.08
N GLU A 14 -4.58 4.81 -2.77
CA GLU A 14 -4.65 5.91 -1.81
C GLU A 14 -3.29 6.56 -1.64
N GLY A 15 -2.26 5.94 -2.22
CA GLY A 15 -0.92 6.48 -2.12
C GLY A 15 -0.08 5.77 -1.07
N LYS A 16 -0.40 4.50 -0.81
CA LYS A 16 0.34 3.72 0.17
C LYS A 16 1.83 3.71 -0.16
N GLY A 17 2.14 3.66 -1.45
CA GLY A 17 3.53 3.65 -1.87
C GLY A 17 4.34 4.84 -1.35
N SER A 18 3.81 6.04 -1.52
CA SER A 18 4.50 7.24 -1.08
C SER A 18 4.81 7.24 0.41
N ILE A 19 3.82 6.86 1.21
CA ILE A 19 3.99 6.81 2.66
C ILE A 19 5.07 5.83 3.08
N VAL A 20 5.03 4.63 2.53
CA VAL A 20 6.01 3.61 2.84
C VAL A 20 7.41 4.12 2.49
N ALA A 21 7.53 4.81 1.37
CA ALA A 21 8.80 5.36 0.92
C ALA A 21 9.33 6.36 1.95
N TYR A 22 8.47 7.26 2.40
CA TYR A 22 8.84 8.26 3.38
C TYR A 22 9.38 7.61 4.65
N LEU A 23 8.58 6.71 5.23
CA LEU A 23 8.96 6.01 6.45
C LEU A 23 10.25 5.21 6.28
N SER A 24 10.43 4.64 5.10
CA SER A 24 11.62 3.84 4.80
C SER A 24 12.90 4.66 4.92
N LEU A 25 12.83 5.94 4.54
CA LEU A 25 13.99 6.81 4.60
C LEU A 25 14.10 7.58 5.91
N HIS A 26 12.97 8.08 6.40
CA HIS A 26 12.94 8.84 7.64
C HIS A 26 13.15 7.98 8.87
N ASP A 27 12.46 6.84 8.92
CA ASP A 27 12.57 5.92 10.06
C ASP A 27 13.69 4.90 9.86
N GLU A 28 14.04 4.64 8.61
CA GLU A 28 15.09 3.70 8.27
C GLU A 28 14.88 2.30 8.86
N PRO A 29 13.75 1.66 8.55
CA PRO A 29 13.46 0.31 9.07
C PRO A 29 14.46 -0.71 8.51
N GLU A 30 14.73 -1.77 9.27
CA GLU A 30 15.67 -2.79 8.82
C GLU A 30 15.02 -3.76 7.83
N ILE A 31 13.70 -3.88 7.92
CA ILE A 31 12.96 -4.76 7.02
C ILE A 31 11.71 -4.08 6.49
N ILE A 32 11.43 -4.29 5.20
CA ILE A 32 10.26 -3.70 4.56
C ILE A 32 9.55 -4.82 3.78
N ALA A 33 8.72 -5.56 4.49
CA ALA A 33 7.97 -6.67 3.88
C ALA A 33 6.74 -6.17 3.13
N ARG A 34 6.35 -6.91 2.10
CA ARG A 34 5.18 -6.55 1.30
C ARG A 34 4.08 -7.59 1.50
N GLY A 35 2.84 -7.12 1.60
CA GLY A 35 1.71 -8.02 1.79
C GLY A 35 0.64 -7.80 0.74
N GLY A 36 -0.59 -8.19 1.06
CA GLY A 36 -1.67 -8.01 0.13
C GLY A 36 -1.89 -9.18 -0.82
N VAL A 37 -2.40 -8.87 -2.01
CA VAL A 37 -2.67 -9.89 -3.02
C VAL A 37 -1.42 -10.30 -3.79
N GLY A 38 -1.10 -9.55 -4.84
CA GLY A 38 0.08 -9.87 -5.64
C GLY A 38 0.68 -8.70 -6.38
N THR A 39 0.44 -8.64 -7.69
CA THR A 39 0.98 -7.56 -8.52
C THR A 39 -0.11 -6.76 -9.23
N ASN A 40 -1.36 -6.99 -8.84
CA ASN A 40 -2.47 -6.27 -9.46
C ASN A 40 -2.55 -4.82 -9.01
N ALA A 41 -1.51 -4.38 -8.28
CA ALA A 41 -1.44 -3.02 -7.78
C ALA A 41 -0.03 -2.46 -7.96
N GLY A 42 0.06 -1.28 -8.57
CA GLY A 42 1.35 -0.67 -8.80
C GLY A 42 1.58 0.58 -7.97
N HIS A 43 2.04 0.40 -6.74
CA HIS A 43 2.30 1.52 -5.85
C HIS A 43 3.38 2.42 -6.47
N SER A 44 3.09 3.71 -6.55
CA SER A 44 4.02 4.66 -7.14
C SER A 44 4.64 5.63 -6.12
N VAL A 45 5.79 6.18 -6.50
CA VAL A 45 6.51 7.14 -5.66
C VAL A 45 7.39 8.02 -6.54
N VAL A 46 7.45 9.31 -6.22
CA VAL A 46 8.26 10.25 -6.99
C VAL A 46 9.56 10.54 -6.25
N ILE A 47 10.67 10.06 -6.79
CA ILE A 47 11.97 10.27 -6.18
C ILE A 47 12.77 11.35 -6.90
N ASN A 48 12.70 12.57 -6.39
CA ASN A 48 13.42 13.70 -6.96
C ASN A 48 13.07 13.94 -8.43
N GLY A 49 11.78 13.98 -8.73
CA GLY A 49 11.34 14.21 -10.10
C GLY A 49 11.10 12.96 -10.93
N LYS A 50 11.64 11.83 -10.50
CA LYS A 50 11.45 10.58 -11.23
C LYS A 50 10.32 9.75 -10.63
N LYS A 51 9.34 9.42 -11.45
CA LYS A 51 8.19 8.64 -11.01
C LYS A 51 8.47 7.14 -11.11
N TYR A 52 8.19 6.42 -10.01
CA TYR A 52 8.39 4.98 -9.96
C TYR A 52 7.08 4.24 -9.75
N ALA A 53 7.07 2.96 -10.11
CA ALA A 53 5.88 2.12 -9.96
C ALA A 53 6.27 0.66 -9.78
N VAL A 54 6.00 0.12 -8.60
CA VAL A 54 6.31 -1.27 -8.28
C VAL A 54 5.04 -2.06 -7.97
N ARG A 55 5.01 -3.32 -8.40
CA ARG A 55 3.85 -4.17 -8.15
C ARG A 55 4.20 -5.40 -7.32
N GLN A 56 5.48 -5.75 -7.30
CA GLN A 56 5.92 -6.92 -6.54
C GLN A 56 6.81 -6.50 -5.37
N ILE A 57 7.91 -5.81 -5.68
CA ILE A 57 8.86 -5.36 -4.67
C ILE A 57 8.31 -4.19 -3.85
N PRO A 58 8.51 -4.22 -2.52
CA PRO A 58 8.04 -3.17 -1.61
C PRO A 58 8.39 -1.78 -2.12
N THR A 59 7.67 -0.77 -1.64
CA THR A 59 7.90 0.61 -2.04
C THR A 59 8.94 1.27 -1.15
N GLY A 60 9.81 0.46 -0.56
CA GLY A 60 10.84 1.00 0.30
C GLY A 60 12.22 0.65 -0.22
N PHE A 61 12.30 0.41 -1.53
CA PHE A 61 13.56 0.06 -2.18
C PHE A 61 14.60 1.16 -2.11
N MET A 62 14.16 2.41 -1.99
CA MET A 62 15.08 3.54 -1.91
C MET A 62 15.96 3.46 -0.68
N GLN A 63 15.55 2.64 0.29
CA GLN A 63 16.31 2.46 1.52
C GLN A 63 17.28 1.30 1.33
N THR A 64 18.43 1.58 0.73
CA THR A 64 19.44 0.56 0.47
C THR A 64 19.79 -0.27 1.71
N LYS A 65 19.92 0.40 2.86
CA LYS A 65 20.25 -0.30 4.09
C LYS A 65 19.02 -0.92 4.75
N ALA A 66 18.43 -1.90 4.07
CA ALA A 66 17.24 -2.59 4.57
C ALA A 66 16.84 -3.71 3.61
N ARG A 67 16.40 -4.83 4.17
CA ARG A 67 15.99 -5.96 3.36
C ARG A 67 14.54 -5.81 2.90
N LEU A 68 14.28 -6.26 1.67
CA LEU A 68 12.95 -6.20 1.09
C LEU A 68 12.37 -7.61 1.01
N LEU A 69 11.42 -7.92 1.87
CA LEU A 69 10.81 -9.23 1.91
C LEU A 69 9.38 -9.25 1.37
N ILE A 70 8.93 -10.43 0.98
CA ILE A 70 7.58 -10.61 0.45
C ILE A 70 6.86 -11.71 1.24
N GLY A 71 5.76 -11.34 1.89
CA GLY A 71 5.01 -12.29 2.67
C GLY A 71 4.61 -13.54 1.91
N ALA A 72 4.44 -14.65 2.63
CA ALA A 72 4.05 -15.92 2.04
C ALA A 72 2.62 -15.86 1.50
N GLY A 73 1.79 -15.03 2.12
CA GLY A 73 0.42 -14.91 1.69
C GLY A 73 0.27 -14.03 0.45
N VAL A 74 1.40 -13.68 -0.15
CA VAL A 74 1.40 -12.83 -1.34
C VAL A 74 1.76 -13.64 -2.59
N LEU A 75 1.02 -13.39 -3.68
CA LEU A 75 1.27 -14.08 -4.93
C LEU A 75 2.48 -13.47 -5.62
N VAL A 76 3.34 -14.31 -6.18
CA VAL A 76 4.54 -13.84 -6.85
C VAL A 76 4.54 -14.21 -8.34
N ASP A 77 4.83 -13.23 -9.18
CA ASP A 77 4.89 -13.44 -10.62
C ASP A 77 6.33 -13.29 -11.09
N PRO A 78 7.01 -14.42 -11.32
CA PRO A 78 8.41 -14.45 -11.77
C PRO A 78 8.75 -13.42 -12.83
N GLU A 79 7.86 -13.24 -13.80
CA GLU A 79 8.08 -12.28 -14.87
C GLU A 79 8.23 -10.84 -14.38
N VAL A 80 7.33 -10.42 -13.52
CA VAL A 80 7.36 -9.06 -12.98
C VAL A 80 8.44 -8.88 -11.91
N PHE A 81 8.71 -9.94 -11.17
CA PHE A 81 9.72 -9.89 -10.11
C PHE A 81 11.08 -9.51 -10.68
N PHE A 82 11.54 -10.26 -11.66
CA PHE A 82 12.84 -10.01 -12.29
C PHE A 82 12.85 -8.68 -13.05
N HIS A 83 11.70 -8.32 -13.63
CA HIS A 83 11.60 -7.08 -14.39
C HIS A 83 11.92 -5.90 -13.48
N GLU A 84 11.34 -5.91 -12.28
CA GLU A 84 11.54 -4.85 -11.31
C GLU A 84 12.94 -4.87 -10.73
N LEU A 85 13.55 -6.05 -10.66
CA LEU A 85 14.91 -6.17 -10.15
C LEU A 85 15.85 -5.42 -11.07
N GLU A 86 15.48 -5.37 -12.36
CA GLU A 86 16.28 -4.67 -13.36
C GLU A 86 15.94 -3.19 -13.31
N GLN A 87 14.65 -2.89 -13.18
CA GLN A 87 14.20 -1.50 -13.11
C GLN A 87 14.79 -0.80 -11.89
N LEU A 88 15.06 -1.57 -10.85
CA LEU A 88 15.62 -1.02 -9.61
C LEU A 88 17.05 -1.48 -9.39
N LYS A 89 17.72 -1.84 -10.48
CA LYS A 89 19.11 -2.31 -10.40
C LYS A 89 20.01 -1.23 -9.82
N ASP A 90 19.59 0.02 -9.96
CA ASP A 90 20.36 1.16 -9.45
C ASP A 90 20.30 1.23 -7.92
N PHE A 91 19.39 0.45 -7.33
CA PHE A 91 19.25 0.42 -5.88
C PHE A 91 19.78 -0.89 -5.31
N ASN A 92 20.28 -1.75 -6.19
CA ASN A 92 20.83 -3.04 -5.79
C ASN A 92 19.86 -3.85 -4.94
N VAL A 93 18.62 -3.97 -5.41
CA VAL A 93 17.59 -4.72 -4.69
C VAL A 93 17.89 -6.21 -4.78
N LYS A 94 18.38 -6.66 -5.93
CA LYS A 94 18.71 -8.06 -6.15
C LYS A 94 19.59 -8.65 -5.05
N ASP A 95 20.22 -7.78 -4.27
CA ASP A 95 21.10 -8.22 -3.19
C ASP A 95 20.41 -8.30 -1.83
N ARG A 96 19.33 -7.55 -1.67
CA ARG A 96 18.61 -7.53 -0.40
C ARG A 96 17.12 -7.84 -0.51
N VAL A 97 16.74 -8.60 -1.54
CA VAL A 97 15.35 -8.98 -1.73
C VAL A 97 15.16 -10.45 -1.38
N GLY A 98 14.12 -10.74 -0.59
CA GLY A 98 13.85 -12.11 -0.20
C GLY A 98 12.41 -12.52 -0.40
N ILE A 99 12.21 -13.65 -1.05
CA ILE A 99 10.87 -14.17 -1.32
C ILE A 99 10.62 -15.41 -0.48
N ASP A 100 9.53 -15.40 0.30
CA ASP A 100 9.19 -16.52 1.14
C ASP A 100 9.00 -17.76 0.28
N TYR A 101 9.66 -18.85 0.66
CA TYR A 101 9.59 -20.10 -0.09
C TYR A 101 8.20 -20.73 -0.06
N ARG A 102 7.25 -20.06 0.60
CA ARG A 102 5.89 -20.54 0.69
C ARG A 102 4.89 -19.65 -0.05
N CYS A 103 5.40 -18.79 -0.92
CA CYS A 103 4.55 -17.90 -1.69
C CYS A 103 3.99 -18.62 -2.91
N ALA A 104 2.72 -18.36 -3.23
CA ALA A 104 2.09 -18.99 -4.38
C ALA A 104 2.56 -18.28 -5.63
N ILE A 105 2.70 -19.04 -6.72
CA ILE A 105 3.16 -18.47 -7.98
C ILE A 105 2.04 -18.28 -9.00
N ILE A 106 2.12 -17.16 -9.73
CA ILE A 106 1.14 -16.84 -10.75
C ILE A 106 1.66 -17.32 -12.10
N GLU A 107 1.02 -18.35 -12.64
CA GLU A 107 1.42 -18.92 -13.93
C GLU A 107 0.66 -18.29 -15.08
N GLU A 108 1.23 -18.42 -16.28
CA GLU A 108 0.63 -17.86 -17.48
C GLU A 108 -0.82 -18.29 -17.68
N LYS A 109 -1.13 -19.54 -17.34
CA LYS A 109 -2.48 -20.06 -17.48
C LYS A 109 -3.45 -19.28 -16.59
N HIS A 110 -2.91 -18.57 -15.61
CA HIS A 110 -3.72 -17.76 -14.71
C HIS A 110 -3.91 -16.38 -15.33
N LYS A 111 -2.82 -15.84 -15.86
CA LYS A 111 -2.83 -14.53 -16.50
C LYS A 111 -3.70 -14.58 -17.75
N GLN A 112 -3.77 -15.76 -18.35
CA GLN A 112 -4.57 -16.00 -19.55
C GLN A 112 -4.86 -14.73 -20.35
N SER A 129 -3.13 -9.53 -14.53
CA SER A 129 -2.37 -9.88 -13.34
C SER A 129 -2.40 -11.38 -13.08
N GLY A 130 -3.62 -11.94 -13.09
CA GLY A 130 -3.77 -13.36 -12.85
C GLY A 130 -3.86 -13.69 -11.37
N CYS A 131 -3.95 -12.66 -10.53
CA CYS A 131 -4.04 -12.85 -9.09
C CYS A 131 -5.31 -13.60 -8.72
N GLY A 132 -6.41 -13.25 -9.34
CA GLY A 132 -7.68 -13.90 -9.06
C GLY A 132 -7.61 -15.41 -9.29
N PRO A 133 -7.42 -15.83 -10.55
CA PRO A 133 -7.34 -17.26 -10.89
C PRO A 133 -6.29 -18.00 -10.07
N ALA A 134 -5.20 -17.30 -9.75
CA ALA A 134 -4.12 -17.90 -8.97
C ALA A 134 -4.61 -18.31 -7.59
N ASN A 135 -5.25 -17.38 -6.89
CA ASN A 135 -5.77 -17.67 -5.56
C ASN A 135 -6.84 -18.76 -5.61
N ALA A 136 -7.52 -18.86 -6.74
CA ALA A 136 -8.56 -19.87 -6.92
C ALA A 136 -7.97 -21.26 -6.66
N ASP A 137 -6.83 -21.53 -7.29
CA ASP A 137 -6.15 -22.80 -7.14
C ASP A 137 -5.38 -22.82 -5.82
N ARG A 138 -5.03 -21.62 -5.34
CA ARG A 138 -4.31 -21.47 -4.08
C ARG A 138 -5.10 -22.10 -2.95
N VAL A 139 -6.36 -21.69 -2.82
CA VAL A 139 -7.24 -22.22 -1.79
C VAL A 139 -7.67 -23.64 -2.15
N MET A 140 -7.42 -24.02 -3.39
CA MET A 140 -7.76 -25.36 -3.87
C MET A 140 -6.53 -26.24 -3.80
N ARG A 141 -5.43 -25.67 -3.30
CA ARG A 141 -4.17 -26.39 -3.17
C ARG A 141 -3.75 -27.09 -4.46
N LYS A 142 -3.74 -26.34 -5.56
CA LYS A 142 -3.35 -26.91 -6.86
C LYS A 142 -2.19 -26.15 -7.46
N ALA A 143 -1.91 -24.96 -6.94
CA ALA A 143 -0.81 -24.13 -7.42
C ALA A 143 0.48 -24.51 -6.72
N LYS A 144 1.61 -24.25 -7.38
CA LYS A 144 2.92 -24.54 -6.82
C LYS A 144 3.37 -23.42 -5.89
N GLN A 145 4.57 -23.57 -5.34
CA GLN A 145 5.13 -22.56 -4.44
C GLN A 145 6.44 -22.00 -4.98
N ALA A 146 6.99 -21.03 -4.26
CA ALA A 146 8.24 -20.38 -4.66
C ALA A 146 9.42 -21.33 -4.79
N LYS A 147 9.51 -22.31 -3.90
CA LYS A 147 10.62 -23.26 -3.93
C LYS A 147 10.44 -24.35 -5.00
N ASP A 148 9.40 -24.24 -5.80
CA ASP A 148 9.14 -25.21 -6.85
C ASP A 148 9.70 -24.76 -8.20
N VAL A 149 10.07 -23.50 -8.30
CA VAL A 149 10.64 -22.96 -9.53
C VAL A 149 12.14 -22.74 -9.34
N LYS A 150 12.93 -23.15 -10.34
CA LYS A 150 14.37 -23.01 -10.28
C LYS A 150 14.84 -21.56 -10.31
N GLU A 151 14.22 -20.77 -11.18
CA GLU A 151 14.56 -19.36 -11.32
C GLU A 151 14.53 -18.66 -9.97
N LEU A 152 13.59 -19.08 -9.13
CA LEU A 152 13.43 -18.51 -7.79
C LEU A 152 14.02 -19.44 -6.74
N GLU A 153 15.21 -19.12 -6.26
CA GLU A 153 15.88 -19.92 -5.25
C GLU A 153 16.88 -19.07 -4.47
N PRO A 154 17.76 -18.34 -5.18
CA PRO A 154 18.75 -17.50 -4.50
C PRO A 154 18.12 -16.37 -3.70
N TYR A 155 16.79 -16.26 -3.78
CA TYR A 155 16.06 -15.21 -3.06
C TYR A 155 15.15 -15.80 -1.99
N LEU A 156 14.89 -17.10 -2.10
CA LEU A 156 14.03 -17.78 -1.13
C LEU A 156 14.53 -17.63 0.30
N THR A 157 13.59 -17.65 1.24
CA THR A 157 13.91 -17.51 2.65
C THR A 157 12.61 -17.63 3.45
N ASP A 158 12.71 -17.46 4.77
CA ASP A 158 11.54 -17.53 5.63
C ASP A 158 11.25 -16.14 6.17
N VAL A 159 10.39 -15.40 5.45
CA VAL A 159 10.02 -14.05 5.85
C VAL A 159 9.53 -14.00 7.29
N ALA A 160 8.65 -14.94 7.65
CA ALA A 160 8.12 -15.00 9.01
C ALA A 160 9.25 -15.12 10.00
N GLN A 161 10.32 -15.81 9.60
CA GLN A 161 11.48 -16.00 10.45
C GLN A 161 12.23 -14.69 10.69
N GLU A 162 12.73 -14.11 9.60
CA GLU A 162 13.48 -12.86 9.66
C GLU A 162 12.72 -11.74 10.37
N ILE A 163 11.44 -11.60 10.05
CA ILE A 163 10.63 -10.57 10.67
C ILE A 163 10.61 -10.72 12.19
N ASN A 164 10.27 -11.92 12.66
CA ASN A 164 10.23 -12.20 14.09
C ASN A 164 11.61 -12.03 14.73
N ASP A 165 12.65 -12.48 14.04
CA ASP A 165 14.01 -12.36 14.56
C ASP A 165 14.33 -10.91 14.89
N ALA A 166 14.16 -10.04 13.89
CA ALA A 166 14.44 -8.62 14.05
C ALA A 166 13.45 -7.99 15.04
N LEU A 167 12.23 -8.50 15.06
CA LEU A 167 11.21 -7.99 15.96
C LEU A 167 11.64 -8.22 17.42
N ASP A 168 12.26 -9.37 17.68
CA ASP A 168 12.72 -9.70 19.02
C ASP A 168 13.97 -8.88 19.35
N GLU A 169 14.73 -8.55 18.32
CA GLU A 169 15.95 -7.78 18.47
C GLU A 169 15.65 -6.28 18.52
N GLY A 170 14.39 -5.95 18.74
CA GLY A 170 13.98 -4.56 18.82
C GLY A 170 14.21 -3.80 17.52
N SER A 171 14.30 -4.54 16.42
CA SER A 171 14.50 -3.94 15.10
C SER A 171 13.17 -3.44 14.53
N LEU A 172 13.25 -2.37 13.74
CA LEU A 172 12.05 -1.80 13.13
C LEU A 172 11.66 -2.53 11.86
N VAL A 173 10.40 -2.95 11.79
CA VAL A 173 9.89 -3.67 10.62
C VAL A 173 8.67 -2.96 10.05
N LEU A 174 8.76 -2.61 8.76
CA LEU A 174 7.65 -1.93 8.08
C LEU A 174 7.03 -2.83 7.02
N VAL A 175 5.73 -3.06 7.16
CA VAL A 175 5.00 -3.91 6.21
C VAL A 175 3.92 -3.09 5.52
N GLU A 176 3.72 -3.36 4.23
CA GLU A 176 2.71 -2.64 3.46
C GLU A 176 1.77 -3.59 2.73
N GLY A 177 0.47 -3.29 2.79
CA GLY A 177 -0.51 -4.12 2.13
C GLY A 177 -0.90 -3.55 0.79
N THR A 178 -1.86 -4.18 0.13
CA THR A 178 -2.32 -3.73 -1.18
C THR A 178 -3.83 -3.46 -1.16
N GLN A 179 -4.31 -2.78 -2.21
CA GLN A 179 -5.72 -2.44 -2.31
C GLN A 179 -6.19 -1.65 -1.10
N GLY A 180 -7.49 -1.67 -0.84
CA GLY A 180 -8.03 -0.96 0.28
C GLY A 180 -9.21 -1.67 0.92
N PHE A 181 -9.59 -1.24 2.12
CA PHE A 181 -10.70 -1.83 2.85
C PHE A 181 -11.91 -2.00 1.93
N GLY A 182 -12.13 -1.01 1.07
CA GLY A 182 -13.27 -1.06 0.16
C GLY A 182 -13.25 -2.26 -0.77
N LEU A 183 -12.06 -2.83 -0.98
CA LEU A 183 -11.92 -3.99 -1.86
C LEU A 183 -11.76 -5.28 -1.06
N SER A 184 -11.92 -5.18 0.25
CA SER A 184 -11.79 -6.36 1.11
C SER A 184 -12.74 -7.47 0.67
N LEU A 185 -12.27 -8.71 0.74
CA LEU A 185 -13.07 -9.85 0.35
C LEU A 185 -14.21 -10.09 1.32
N TYR A 186 -14.00 -9.72 2.59
CA TYR A 186 -15.02 -9.91 3.61
C TYR A 186 -15.85 -8.64 3.82
N TYR A 187 -15.16 -7.54 4.06
CA TYR A 187 -15.82 -6.26 4.34
C TYR A 187 -15.80 -5.29 3.16
N GLY A 188 -15.72 -5.83 1.94
CA GLY A 188 -15.70 -4.98 0.77
C GLY A 188 -17.03 -4.93 0.04
N THR A 189 -17.07 -4.15 -1.03
CA THR A 189 -18.29 -4.01 -1.83
C THR A 189 -18.49 -5.24 -2.70
N TYR A 190 -18.63 -6.39 -2.07
CA TYR A 190 -18.83 -7.66 -2.76
C TYR A 190 -19.97 -7.54 -3.76
N PRO A 191 -19.83 -8.18 -4.94
CA PRO A 191 -18.68 -8.99 -5.35
C PRO A 191 -17.56 -8.15 -5.98
N TYR A 192 -17.72 -6.83 -5.94
CA TYR A 192 -16.72 -5.93 -6.49
C TYR A 192 -15.57 -5.70 -5.52
N VAL A 193 -14.81 -6.76 -5.26
CA VAL A 193 -13.67 -6.71 -4.34
C VAL A 193 -12.52 -7.57 -4.85
N THR A 194 -11.42 -7.60 -4.11
CA THR A 194 -10.26 -8.39 -4.50
C THR A 194 -10.49 -9.87 -4.13
N SER A 195 -9.43 -10.66 -4.18
CA SER A 195 -9.53 -12.09 -3.88
C SER A 195 -9.17 -12.44 -2.43
N LYS A 196 -9.11 -11.44 -1.56
CA LYS A 196 -8.76 -11.69 -0.17
C LYS A 196 -8.99 -10.46 0.71
N ASP A 197 -8.80 -10.64 2.02
CA ASP A 197 -8.97 -9.55 2.97
C ASP A 197 -7.73 -8.68 2.95
N VAL A 198 -7.93 -7.37 3.01
CA VAL A 198 -6.82 -6.42 2.97
C VAL A 198 -6.70 -5.60 4.26
N THR A 199 -7.28 -6.11 5.34
CA THR A 199 -7.21 -5.42 6.62
C THR A 199 -5.83 -5.58 7.23
N ALA A 200 -5.53 -4.77 8.25
CA ALA A 200 -4.22 -4.82 8.91
C ALA A 200 -3.94 -6.22 9.47
N SER A 201 -4.99 -6.89 9.93
CA SER A 201 -4.85 -8.23 10.50
C SER A 201 -4.40 -9.22 9.43
N SER A 202 -5.01 -9.13 8.26
CA SER A 202 -4.67 -10.02 7.14
C SER A 202 -3.23 -9.79 6.70
N VAL A 203 -2.87 -8.53 6.52
CA VAL A 203 -1.52 -8.18 6.10
C VAL A 203 -0.49 -8.78 7.05
N ALA A 204 -0.83 -8.80 8.34
CA ALA A 204 0.05 -9.34 9.36
C ALA A 204 0.23 -10.84 9.17
N ALA A 205 -0.84 -11.51 8.75
CA ALA A 205 -0.81 -12.94 8.50
C ALA A 205 -0.02 -13.24 7.24
N ASP A 206 -0.06 -12.31 6.30
CA ASP A 206 0.65 -12.47 5.03
C ASP A 206 2.16 -12.51 5.25
N VAL A 207 2.64 -11.76 6.24
CA VAL A 207 4.07 -11.72 6.54
C VAL A 207 4.46 -12.67 7.66
N GLY A 208 3.47 -13.20 8.36
CA GLY A 208 3.73 -14.13 9.45
C GLY A 208 4.08 -13.45 10.76
N ILE A 209 3.15 -12.64 11.26
CA ILE A 209 3.36 -11.93 12.51
C ILE A 209 2.09 -11.94 13.35
N GLY A 210 2.24 -12.19 14.65
CA GLY A 210 1.09 -12.23 15.53
C GLY A 210 0.46 -10.86 15.69
N PRO A 211 -0.83 -10.78 16.03
CA PRO A 211 -1.54 -9.51 16.20
C PRO A 211 -1.00 -8.70 17.38
N THR A 212 -0.47 -9.41 18.37
CA THR A 212 0.08 -8.76 19.56
C THR A 212 1.48 -8.22 19.29
N ARG A 213 2.03 -8.58 18.14
CA ARG A 213 3.36 -8.13 17.74
C ARG A 213 3.27 -6.84 16.94
N VAL A 214 2.05 -6.45 16.61
CA VAL A 214 1.82 -5.23 15.84
C VAL A 214 1.62 -4.05 16.78
N ASP A 215 2.42 -3.01 16.60
CA ASP A 215 2.34 -1.82 17.44
C ASP A 215 1.53 -0.70 16.81
N GLU A 216 1.86 -0.36 15.57
CA GLU A 216 1.15 0.71 14.87
C GLU A 216 0.46 0.25 13.60
N VAL A 217 -0.70 0.83 13.32
CA VAL A 217 -1.48 0.51 12.13
C VAL A 217 -1.90 1.82 11.46
N ILE A 218 -1.32 2.09 10.29
CA ILE A 218 -1.63 3.32 9.57
C ILE A 218 -2.55 3.07 8.37
N VAL A 219 -3.74 3.66 8.43
CA VAL A 219 -4.70 3.54 7.35
C VAL A 219 -4.62 4.79 6.48
N VAL A 220 -4.19 4.63 5.24
CA VAL A 220 -4.04 5.76 4.33
C VAL A 220 -5.34 6.17 3.65
N PHE A 221 -5.44 7.46 3.34
CA PHE A 221 -6.61 8.03 2.68
C PHE A 221 -6.16 9.18 1.78
N LYS A 222 -6.91 9.42 0.71
CA LYS A 222 -6.59 10.51 -0.20
C LYS A 222 -7.79 11.42 -0.39
N SER A 223 -7.53 12.72 -0.44
CA SER A 223 -8.56 13.74 -0.60
C SER A 223 -9.77 13.30 -1.42
N PHE A 224 -9.51 12.62 -2.53
CA PHE A 224 -10.59 12.16 -3.41
C PHE A 224 -10.51 10.67 -3.72
N PRO A 225 -11.45 9.88 -3.17
CA PRO A 225 -11.49 8.43 -3.39
C PRO A 225 -11.62 8.10 -4.88
N THR A 226 -11.09 6.96 -5.28
CA THR A 226 -11.14 6.54 -6.67
C THR A 226 -11.59 5.08 -6.82
N ARG A 227 -12.13 4.77 -7.99
CA ARG A 227 -12.60 3.42 -8.28
C ARG A 227 -12.07 2.96 -9.63
N VAL A 228 -11.94 1.65 -9.81
CA VAL A 228 -11.44 1.09 -11.05
C VAL A 228 -12.39 0.00 -11.56
N GLY A 229 -13.26 0.37 -12.49
CA GLY A 229 -14.21 -0.59 -13.04
C GLY A 229 -15.54 -0.53 -12.31
N ALA A 230 -16.40 -1.50 -12.56
CA ALA A 230 -17.71 -1.55 -11.92
C ALA A 230 -17.60 -1.54 -10.38
N GLY A 231 -18.69 -1.17 -9.71
CA GLY A 231 -18.70 -1.14 -8.26
C GLY A 231 -19.47 0.05 -7.70
N PRO A 232 -20.09 -0.08 -6.50
CA PRO A 232 -20.85 1.00 -5.89
C PRO A 232 -19.98 2.17 -5.40
N PHE A 233 -20.24 3.36 -5.94
CA PHE A 233 -19.48 4.54 -5.54
C PHE A 233 -20.50 5.60 -5.13
N PRO A 234 -20.88 5.63 -3.84
CA PRO A 234 -21.85 6.59 -3.33
C PRO A 234 -21.48 8.06 -3.47
N THR A 235 -20.19 8.37 -3.24
CA THR A 235 -19.72 9.75 -3.34
C THR A 235 -19.11 10.06 -4.69
N GLU A 236 -19.30 9.16 -5.67
CA GLU A 236 -18.76 9.38 -7.00
C GLU A 236 -19.26 10.69 -7.62
N MET A 237 -18.38 11.38 -8.34
CA MET A 237 -18.72 12.64 -8.99
C MET A 237 -18.60 12.48 -10.51
N PRO A 238 -19.45 13.20 -11.25
CA PRO A 238 -19.40 13.12 -12.72
C PRO A 238 -17.98 13.38 -13.22
N MET A 239 -17.49 12.51 -14.10
CA MET A 239 -16.15 12.66 -14.64
C MET A 239 -15.94 14.04 -15.25
N GLU A 240 -17.04 14.70 -15.62
CA GLU A 240 -16.95 16.04 -16.19
C GLU A 240 -16.40 16.98 -15.12
N GLU A 241 -16.82 16.75 -13.88
CA GLU A 241 -16.39 17.55 -12.75
C GLU A 241 -14.95 17.22 -12.38
N ALA A 242 -14.61 15.94 -12.46
CA ALA A 242 -13.26 15.48 -12.14
C ALA A 242 -12.24 16.13 -13.06
N ASP A 243 -12.69 16.54 -14.24
CA ASP A 243 -11.81 17.18 -15.21
C ASP A 243 -11.52 18.63 -14.83
N ARG A 244 -12.53 19.33 -14.34
CA ARG A 244 -12.36 20.73 -13.94
C ARG A 244 -11.41 20.84 -12.77
N LEU A 245 -11.65 20.04 -11.73
CA LEU A 245 -10.81 20.05 -10.54
C LEU A 245 -9.43 19.45 -10.83
N GLY A 246 -9.32 18.75 -11.96
CA GLY A 246 -8.06 18.14 -12.33
C GLY A 246 -7.70 16.93 -11.49
N LEU A 247 -8.63 15.99 -11.40
CA LEU A 247 -8.43 14.77 -10.61
C LEU A 247 -8.38 13.53 -11.48
N VAL A 248 -8.09 13.70 -12.77
CA VAL A 248 -8.02 12.58 -13.70
C VAL A 248 -6.74 11.77 -13.50
N GLU A 249 -6.90 10.51 -13.09
CA GLU A 249 -5.76 9.63 -12.87
C GLU A 249 -5.82 8.42 -13.79
N TYR A 250 -4.67 7.90 -14.18
CA TYR A 250 -4.60 6.75 -15.05
C TYR A 250 -3.85 5.61 -14.37
N GLY A 251 -4.37 4.39 -14.50
CA GLY A 251 -3.74 3.24 -13.89
C GLY A 251 -2.28 3.11 -14.27
N THR A 252 -1.43 2.80 -13.29
CA THR A 252 -0.01 2.65 -13.53
C THR A 252 0.32 1.37 -14.28
N VAL A 253 -0.66 0.49 -14.42
CA VAL A 253 -0.46 -0.78 -15.11
C VAL A 253 -1.46 -0.97 -16.26
N THR A 254 -2.62 -0.33 -16.15
CA THR A 254 -3.65 -0.45 -17.17
C THR A 254 -3.86 0.86 -17.94
N GLY A 255 -3.49 1.97 -17.32
CA GLY A 255 -3.66 3.25 -17.98
C GLY A 255 -5.12 3.65 -17.98
N ARG A 256 -5.93 2.85 -17.30
CA ARG A 256 -7.38 3.10 -17.21
C ARG A 256 -7.67 4.37 -16.41
N ARG A 257 -8.69 5.10 -16.84
CA ARG A 257 -9.08 6.32 -16.15
C ARG A 257 -9.96 5.96 -14.96
N ARG A 258 -9.45 6.18 -13.75
CA ARG A 258 -10.19 5.86 -12.54
C ARG A 258 -11.34 6.84 -12.29
N ARG A 259 -12.39 6.33 -11.66
CA ARG A 259 -13.56 7.14 -11.33
C ARG A 259 -13.23 7.93 -10.07
N VAL A 260 -13.70 9.18 -9.99
CA VAL A 260 -13.43 10.01 -8.83
C VAL A 260 -14.70 10.36 -8.06
N GLY A 261 -14.53 10.66 -6.78
CA GLY A 261 -15.66 11.02 -5.94
C GLY A 261 -15.15 11.77 -4.72
N TRP A 262 -16.02 12.52 -4.07
CA TRP A 262 -15.60 13.27 -2.88
C TRP A 262 -15.36 12.35 -1.70
N PHE A 263 -14.59 12.83 -0.73
CA PHE A 263 -14.25 12.06 0.46
C PHE A 263 -15.48 11.44 1.09
N ASP A 264 -15.33 10.20 1.56
CA ASP A 264 -16.43 9.48 2.21
C ASP A 264 -16.06 9.24 3.67
N PHE A 265 -16.36 10.22 4.52
CA PHE A 265 -16.05 10.14 5.95
C PHE A 265 -16.67 8.93 6.63
N GLU A 266 -17.89 8.58 6.26
CA GLU A 266 -18.57 7.44 6.85
C GLU A 266 -17.71 6.18 6.68
N MET A 267 -17.35 5.88 5.45
CA MET A 267 -16.53 4.71 5.15
C MET A 267 -15.17 4.83 5.82
N ALA A 268 -14.58 6.01 5.75
CA ALA A 268 -13.27 6.26 6.35
C ALA A 268 -13.26 5.91 7.83
N ARG A 269 -14.36 6.23 8.52
CA ARG A 269 -14.47 5.94 9.94
C ARG A 269 -14.57 4.43 10.17
N TYR A 270 -15.41 3.78 9.37
CA TYR A 270 -15.61 2.34 9.47
C TYR A 270 -14.35 1.57 9.13
N SER A 271 -13.77 1.87 7.99
CA SER A 271 -12.55 1.20 7.54
C SER A 271 -11.40 1.40 8.52
N ALA A 272 -11.43 2.51 9.24
CA ALA A 272 -10.38 2.81 10.22
C ALA A 272 -10.62 2.11 11.54
N ARG A 273 -11.88 1.76 11.81
CA ARG A 273 -12.23 1.10 13.05
C ARG A 273 -11.84 -0.38 13.01
N ILE A 274 -12.29 -1.08 11.97
CA ILE A 274 -12.00 -2.49 11.82
C ILE A 274 -10.50 -2.76 11.71
N ASN A 275 -9.79 -1.83 11.08
CA ASN A 275 -8.34 -1.98 10.93
C ASN A 275 -7.64 -1.63 12.25
N GLY A 276 -8.40 -1.12 13.20
CA GLY A 276 -7.82 -0.76 14.49
C GLY A 276 -6.77 0.31 14.29
N ALA A 277 -7.04 1.21 13.35
CA ALA A 277 -6.12 2.29 13.04
C ALA A 277 -5.71 3.10 14.26
N THR A 278 -4.41 3.22 14.46
CA THR A 278 -3.87 3.97 15.59
C THR A 278 -3.32 5.29 15.05
N MET A 279 -3.34 5.43 13.73
CA MET A 279 -2.85 6.62 13.05
C MET A 279 -3.47 6.71 11.66
N LEU A 280 -3.67 7.93 11.18
CA LEU A 280 -4.25 8.14 9.86
C LEU A 280 -3.30 8.93 8.96
N ALA A 281 -3.30 8.60 7.67
CA ALA A 281 -2.45 9.28 6.70
C ALA A 281 -3.28 9.82 5.55
N VAL A 282 -3.15 11.13 5.28
CA VAL A 282 -3.89 11.76 4.20
C VAL A 282 -2.91 12.17 3.11
N THR A 283 -3.27 11.88 1.85
CA THR A 283 -2.41 12.21 0.73
C THR A 283 -3.13 13.07 -0.32
N MET A 284 -2.35 13.69 -1.20
CA MET A 284 -2.88 14.53 -2.25
C MET A 284 -3.79 15.62 -1.70
N LEU A 285 -3.39 16.23 -0.60
CA LEU A 285 -4.17 17.30 0.01
C LEU A 285 -4.10 18.52 -0.88
N ASP A 286 -3.04 18.60 -1.69
CA ASP A 286 -2.85 19.71 -2.61
C ASP A 286 -3.93 19.71 -3.68
N LYS A 287 -4.51 18.53 -3.92
CA LYS A 287 -5.57 18.39 -4.92
C LYS A 287 -6.88 18.91 -4.35
N TYR A 288 -6.97 18.95 -3.03
CA TYR A 288 -8.17 19.45 -2.35
C TYR A 288 -8.05 20.96 -2.19
N ASP A 289 -6.81 21.42 -1.99
CA ASP A 289 -6.55 22.85 -1.82
C ASP A 289 -5.16 23.18 -2.33
N LYS A 290 -5.09 23.92 -3.43
CA LYS A 290 -3.84 24.31 -4.06
C LYS A 290 -2.90 25.06 -3.13
N GLU A 291 -3.47 25.79 -2.17
CA GLU A 291 -2.69 26.58 -1.22
C GLU A 291 -1.95 25.73 -0.19
N ALA A 292 -2.10 24.41 -0.28
CA ALA A 292 -1.45 23.51 0.67
C ALA A 292 -0.28 22.75 0.05
N PHE A 293 -0.03 22.99 -1.23
CA PHE A 293 1.06 22.33 -1.94
C PHE A 293 2.43 22.71 -1.40
N GLY A 294 3.23 21.71 -1.05
CA GLY A 294 4.57 21.95 -0.55
C GLY A 294 4.67 22.16 0.96
N VAL A 295 3.55 22.51 1.59
CA VAL A 295 3.54 22.74 3.03
C VAL A 295 4.21 21.61 3.80
N THR A 296 5.04 21.98 4.78
CA THR A 296 5.74 21.00 5.60
C THR A 296 5.30 21.16 7.05
N ASP A 297 4.80 22.36 7.38
CA ASP A 297 4.33 22.67 8.72
C ASP A 297 2.81 22.78 8.73
N TYR A 298 2.17 21.94 9.54
CA TYR A 298 0.71 21.92 9.65
C TYR A 298 0.13 23.31 9.88
N ASP A 299 0.76 24.07 10.76
CA ASP A 299 0.29 25.42 11.08
C ASP A 299 0.36 26.38 9.89
N LYS A 300 1.17 26.02 8.89
CA LYS A 300 1.30 26.86 7.70
C LYS A 300 0.31 26.46 6.61
N LEU A 301 -0.65 25.62 6.96
CA LEU A 301 -1.66 25.17 6.01
C LEU A 301 -2.80 26.19 5.93
N PRO A 302 -3.40 26.34 4.74
CA PRO A 302 -4.51 27.28 4.56
C PRO A 302 -5.76 26.82 5.31
N ARG A 303 -6.61 27.78 5.69
CA ARG A 303 -7.83 27.47 6.42
C ARG A 303 -8.55 26.25 5.84
N LYS A 304 -8.99 26.37 4.59
CA LYS A 304 -9.69 25.30 3.91
C LYS A 304 -9.03 23.95 4.12
N ALA A 305 -7.70 23.91 4.03
CA ALA A 305 -6.95 22.69 4.22
C ALA A 305 -7.12 22.15 5.64
N LYS A 306 -6.85 23.02 6.63
CA LYS A 306 -6.98 22.63 8.03
C LYS A 306 -8.39 22.16 8.35
N GLU A 307 -9.37 22.79 7.70
CA GLU A 307 -10.78 22.43 7.91
C GLU A 307 -11.00 20.97 7.57
N PHE A 308 -10.57 20.59 6.37
CA PHE A 308 -10.72 19.21 5.90
C PHE A 308 -10.07 18.21 6.86
N ILE A 309 -8.80 18.43 7.18
CA ILE A 309 -8.06 17.56 8.09
C ILE A 309 -8.80 17.39 9.42
N GLU A 310 -9.01 18.50 10.13
CA GLU A 310 -9.71 18.48 11.40
C GLU A 310 -11.03 17.72 11.31
N GLU A 311 -11.75 17.97 10.23
CA GLU A 311 -13.04 17.32 10.00
C GLU A 311 -12.88 15.81 9.94
N ILE A 312 -11.80 15.35 9.31
CA ILE A 312 -11.53 13.93 9.17
C ILE A 312 -11.26 13.28 10.53
N GLU A 313 -10.39 13.90 11.32
CA GLU A 313 -10.03 13.39 12.63
C GLU A 313 -11.24 13.30 13.56
N GLU A 314 -12.19 14.20 13.39
CA GLU A 314 -13.39 14.22 14.22
C GLU A 314 -14.42 13.21 13.74
N ARG A 315 -14.45 12.99 12.43
CA ARG A 315 -15.40 12.03 11.85
C ARG A 315 -14.90 10.59 11.94
N VAL A 316 -13.59 10.42 11.91
CA VAL A 316 -12.98 9.10 11.98
C VAL A 316 -12.66 8.70 13.42
N GLY A 317 -12.29 9.69 14.23
CA GLY A 317 -11.96 9.43 15.61
C GLY A 317 -10.51 9.04 15.80
N VAL A 318 -9.71 9.26 14.76
CA VAL A 318 -8.29 8.94 14.82
C VAL A 318 -7.46 10.11 14.29
N PRO A 319 -6.39 10.49 15.00
CA PRO A 319 -5.53 11.60 14.59
C PRO A 319 -4.64 11.26 13.40
N VAL A 320 -4.49 12.20 12.49
CA VAL A 320 -3.66 12.02 11.31
C VAL A 320 -2.20 12.33 11.61
N GLY A 321 -1.35 11.31 11.58
CA GLY A 321 0.05 11.51 11.87
C GLY A 321 0.88 11.90 10.67
N LEU A 322 0.33 11.70 9.47
CA LEU A 322 1.04 12.05 8.25
C LEU A 322 0.12 12.73 7.24
N ILE A 323 0.65 13.74 6.55
CA ILE A 323 -0.12 14.47 5.55
C ILE A 323 0.73 14.78 4.33
N LYS A 324 0.32 14.27 3.17
CA LYS A 324 1.03 14.49 1.92
C LYS A 324 0.50 15.72 1.22
N THR A 325 1.40 16.68 0.96
CA THR A 325 1.03 17.91 0.29
C THR A 325 1.59 17.98 -1.12
N GLY A 326 2.15 16.85 -1.58
CA GLY A 326 2.72 16.80 -2.91
C GLY A 326 3.24 15.41 -3.26
N PRO A 327 3.61 15.18 -4.53
CA PRO A 327 4.13 13.88 -4.97
C PRO A 327 5.56 13.62 -4.52
N GLU A 328 6.31 14.68 -4.26
CA GLU A 328 7.70 14.57 -3.83
C GLU A 328 7.83 14.08 -2.40
N LEU A 329 9.00 13.54 -2.07
CA LEU A 329 9.28 13.03 -0.73
C LEU A 329 9.21 14.11 0.33
N GLU A 330 9.81 15.26 0.03
CA GLU A 330 9.82 16.38 0.97
C GLU A 330 8.43 16.98 1.16
N HIS A 331 7.53 16.70 0.24
CA HIS A 331 6.17 17.20 0.33
C HIS A 331 5.35 16.35 1.29
N ILE A 332 5.50 16.61 2.59
CA ILE A 332 4.76 15.87 3.60
C ILE A 332 4.89 16.52 4.98
N ILE A 333 3.84 16.41 5.78
CA ILE A 333 3.81 16.97 7.11
C ILE A 333 3.81 15.85 8.16
N ASP A 334 4.95 15.66 8.82
CA ASP A 334 5.07 14.62 9.83
C ASP A 334 4.80 15.18 11.22
N ARG A 335 3.66 14.79 11.78
CA ARG A 335 3.27 15.24 13.12
C ARG A 335 3.02 14.05 14.04
N ARG A 336 4.02 13.16 14.11
CA ARG A 336 3.94 11.97 14.95
C ARG A 336 4.72 12.18 16.24
N ASP A 337 4.99 13.45 16.57
CA ASP A 337 5.73 13.81 17.77
C ASP A 337 5.60 12.79 18.89
#